data_3HT2
#
_entry.id   3HT2
#
_cell.length_a   34.433
_cell.length_b   97.255
_cell.length_c   47.743
_cell.angle_alpha   90.00
_cell.angle_beta   91.99
_cell.angle_gamma   90.00
#
_symmetry.space_group_name_H-M   'P 1 21 1'
#
loop_
_entity.id
_entity.type
_entity.pdbx_description
1 polymer 'RemF protein'
2 non-polymer 'ZINC ION'
3 water water
#
_entity_poly.entity_id   1
_entity_poly.type   'polypeptide(L)'
_entity_poly.pdbx_seq_one_letter_code
;S(MSE)(MSE)KRVHRTDVKAEIVREPGAKETTHRKLIDTPDGADRFVLTEFEVSPNGSTPPHFHEWEHEIYVLEGS
(MSE)GLVLPDQGRTEEVGPGEAIFIPRGEPHGFVTGPGQTCRFLVVAPCERPPVRNVFLSEDPYEYTQ(MSE)PEYTSL
LESK
;
_entity_poly.pdbx_strand_id   A,C
#
loop_
_chem_comp.id
_chem_comp.type
_chem_comp.name
_chem_comp.formula
ZN non-polymer 'ZINC ION' 'Zn 2'
#
# COMPACT_ATOMS: atom_id res chain seq x y z
N SER A 1 4.46 15.18 14.58
CA SER A 1 4.65 15.36 13.12
C SER A 1 3.32 15.78 12.45
N MSE A 2 3.37 16.08 11.16
CA MSE A 2 2.24 16.63 10.42
C MSE A 2 1.69 15.62 9.43
O MSE A 2 2.36 14.63 9.09
CB MSE A 2 2.64 17.92 9.69
CG MSE A 2 3.77 17.77 8.66
SE MSE A 2 4.41 19.33 8.00
CE MSE A 2 3.52 19.49 6.44
N MSE A 3 0.46 15.86 8.98
CA MSE A 3 -0.15 15.15 7.85
C MSE A 3 0.62 15.53 6.59
O MSE A 3 0.89 16.71 6.38
CB MSE A 3 -1.64 15.55 7.73
CG MSE A 3 -2.49 14.82 6.65
SE MSE A 3 -2.36 15.43 4.91
CE MSE A 3 -3.25 16.96 4.98
N LYS A 4 1.01 14.53 5.78
CA LYS A 4 1.63 14.76 4.45
C LYS A 4 0.80 14.14 3.33
N ARG A 5 0.68 14.87 2.22
CA ARG A 5 0.05 14.35 1.01
C ARG A 5 0.97 14.68 -0.15
N VAL A 6 1.32 13.70 -0.98
CA VAL A 6 2.17 13.91 -2.16
C VAL A 6 1.65 13.07 -3.31
N HIS A 7 1.63 13.64 -4.50
CA HIS A 7 1.27 12.87 -5.68
C HIS A 7 2.54 12.13 -6.15
N ARG A 8 2.36 10.90 -6.64
CA ARG A 8 3.47 10.05 -7.10
C ARG A 8 4.42 10.77 -8.08
N THR A 9 3.88 11.46 -9.08
CA THR A 9 4.67 12.21 -10.05
C THR A 9 5.48 13.36 -9.44
N ASP A 10 5.21 13.74 -8.19
CA ASP A 10 6.00 14.79 -7.55
C ASP A 10 7.12 14.21 -6.67
N VAL A 11 7.27 12.89 -6.68
CA VAL A 11 8.44 12.24 -6.10
C VAL A 11 9.35 11.74 -7.23
N LYS A 12 10.58 12.28 -7.32
CA LYS A 12 11.50 11.89 -8.39
C LYS A 12 11.81 10.39 -8.38
N ALA A 13 11.68 9.76 -9.56
CA ALA A 13 12.01 8.34 -9.70
C ALA A 13 13.53 8.19 -9.77
N GLU A 14 14.07 7.32 -8.94
CA GLU A 14 15.51 7.03 -8.94
C GLU A 14 15.73 5.55 -9.22
N ILE A 15 16.85 5.23 -9.85
CA ILE A 15 17.24 3.85 -10.10
C ILE A 15 17.39 3.15 -8.74
N VAL A 16 17.02 1.87 -8.65
CA VAL A 16 17.21 1.15 -7.40
C VAL A 16 18.69 0.85 -7.20
N ARG A 17 19.11 0.82 -5.93
CA ARG A 17 20.52 0.68 -5.58
C ARG A 17 21.01 -0.78 -5.62
N GLU A 18 20.10 -1.74 -5.55
CA GLU A 18 20.48 -3.15 -5.48
C GLU A 18 21.39 -3.52 -6.67
N PRO A 19 22.60 -4.00 -6.36
CA PRO A 19 23.50 -4.33 -7.46
C PRO A 19 22.89 -5.41 -8.35
N GLY A 20 23.03 -5.24 -9.66
CA GLY A 20 22.51 -6.21 -10.62
C GLY A 20 21.04 -6.10 -10.99
N ALA A 21 20.30 -5.17 -10.40
CA ALA A 21 18.97 -4.81 -10.87
C ALA A 21 19.07 -4.06 -12.20
N LYS A 22 18.14 -4.33 -13.13
CA LYS A 22 18.09 -3.70 -14.48
C LYS A 22 16.71 -3.08 -14.67
N GLU A 23 16.66 -1.85 -15.19
CA GLU A 23 15.40 -1.21 -15.63
C GLU A 23 14.35 -1.08 -14.52
N THR A 24 14.84 -0.84 -13.31
CA THR A 24 14.02 -0.77 -12.11
C THR A 24 14.27 0.53 -11.37
N THR A 25 13.20 1.30 -11.21
CA THR A 25 13.23 2.57 -10.48
C THR A 25 12.27 2.51 -9.31
N HIS A 26 12.40 3.47 -8.41
CA HIS A 26 11.48 3.57 -7.31
C HIS A 26 11.27 5.02 -6.85
N ARG A 27 10.12 5.24 -6.21
CA ARG A 27 9.78 6.54 -5.64
C ARG A 27 9.38 6.29 -4.20
N LYS A 28 10.18 6.77 -3.26
CA LYS A 28 9.81 6.69 -1.84
C LYS A 28 8.68 7.68 -1.51
N LEU A 29 7.46 7.18 -1.39
CA LEU A 29 6.28 8.05 -1.24
C LEU A 29 6.10 8.48 0.22
N ILE A 30 6.23 7.55 1.15
CA ILE A 30 6.13 7.85 2.57
C ILE A 30 7.29 7.16 3.24
N ASP A 31 8.11 7.94 3.95
CA ASP A 31 9.36 7.44 4.52
C ASP A 31 9.61 8.07 5.91
N THR A 32 10.66 7.62 6.60
CA THR A 32 10.92 8.09 7.98
C THR A 32 11.04 9.64 8.16
N PRO A 33 11.53 10.37 7.14
CA PRO A 33 11.48 11.85 7.25
C PRO A 33 10.06 12.45 7.31
N ASP A 34 9.06 11.68 6.93
CA ASP A 34 7.68 12.13 7.01
C ASP A 34 7.06 11.76 8.36
N GLY A 35 7.82 11.11 9.24
CA GLY A 35 7.30 10.71 10.55
C GLY A 35 6.85 9.26 10.62
N ALA A 36 6.85 8.56 9.48
CA ALA A 36 6.60 7.11 9.46
C ALA A 36 7.70 6.45 10.30
N ASP A 37 7.34 5.72 11.33
CA ASP A 37 8.35 5.13 12.22
C ASP A 37 8.21 3.64 12.41
N ARG A 38 7.31 3.00 11.66
CA ARG A 38 7.16 1.54 11.73
C ARG A 38 7.13 0.90 10.35
N PHE A 39 6.38 1.49 9.43
CA PHE A 39 6.37 1.01 8.04
C PHE A 39 6.39 2.18 7.09
N VAL A 40 6.80 1.89 5.85
CA VAL A 40 6.97 2.89 4.81
C VAL A 40 6.34 2.40 3.51
N LEU A 41 6.12 3.31 2.57
CA LEU A 41 5.46 3.03 1.30
C LEU A 41 6.33 3.53 0.14
N THR A 42 6.70 2.62 -0.76
CA THR A 42 7.55 2.92 -1.90
C THR A 42 6.89 2.43 -3.16
N GLU A 43 6.93 3.20 -4.24
CA GLU A 43 6.45 2.72 -5.51
C GLU A 43 7.64 2.29 -6.36
N PHE A 44 7.53 1.12 -6.98
CA PHE A 44 8.54 0.61 -7.87
C PHE A 44 7.97 0.50 -9.29
N GLU A 45 8.84 0.60 -10.28
CA GLU A 45 8.47 0.30 -11.67
C GLU A 45 9.59 -0.48 -12.34
N VAL A 46 9.26 -1.65 -12.90
CA VAL A 46 10.18 -2.44 -13.71
C VAL A 46 9.80 -2.27 -15.18
N SER A 47 10.69 -1.60 -15.92
CA SER A 47 10.53 -1.35 -17.33
C SER A 47 10.85 -2.61 -18.14
N PRO A 48 10.59 -2.60 -19.46
CA PRO A 48 10.85 -3.82 -20.22
C PRO A 48 12.27 -4.34 -20.10
N ASN A 49 12.42 -5.66 -20.17
CA ASN A 49 13.72 -6.33 -20.12
C ASN A 49 14.42 -6.08 -18.76
N GLY A 50 13.59 -5.99 -17.72
CA GLY A 50 14.06 -5.74 -16.37
C GLY A 50 14.11 -6.97 -15.50
N SER A 51 14.89 -6.86 -14.44
CA SER A 51 15.01 -7.94 -13.47
C SER A 51 15.67 -7.43 -12.20
N THR A 52 15.44 -8.13 -11.10
CA THR A 52 16.17 -7.89 -9.87
C THR A 52 16.74 -9.24 -9.46
N PRO A 53 17.88 -9.24 -8.77
CA PRO A 53 18.49 -10.51 -8.36
C PRO A 53 17.61 -11.20 -7.34
N PRO A 54 17.18 -12.46 -7.62
CA PRO A 54 16.41 -13.12 -6.57
C PRO A 54 17.15 -13.11 -5.23
N HIS A 55 16.42 -12.75 -4.18
CA HIS A 55 17.01 -12.60 -2.88
C HIS A 55 16.00 -12.98 -1.80
N PHE A 56 16.51 -13.04 -0.57
CA PHE A 56 15.67 -13.28 0.61
C PHE A 56 16.19 -12.50 1.80
N HIS A 57 15.28 -12.12 2.70
CA HIS A 57 15.59 -11.21 3.79
C HIS A 57 14.61 -11.34 4.96
N GLU A 58 15.06 -10.87 6.14
CA GLU A 58 14.30 -10.95 7.38
C GLU A 58 13.40 -9.72 7.58
N TRP A 59 12.66 -9.41 6.52
CA TRP A 59 11.62 -8.41 6.52
C TRP A 59 10.62 -8.77 5.44
N GLU A 60 9.35 -8.87 5.82
CA GLU A 60 8.26 -9.26 4.91
C GLU A 60 7.93 -8.18 3.86
N HIS A 61 7.41 -8.59 2.71
CA HIS A 61 6.82 -7.66 1.73
C HIS A 61 5.30 -7.78 1.69
N GLU A 62 4.62 -6.65 1.64
CA GLU A 62 3.25 -6.58 1.16
C GLU A 62 3.26 -5.67 -0.07
N ILE A 63 2.73 -6.20 -1.16
CA ILE A 63 2.88 -5.65 -2.48
C ILE A 63 1.50 -5.50 -3.07
N TYR A 64 1.30 -4.41 -3.78
CA TYR A 64 0.06 -4.21 -4.52
C TYR A 64 0.41 -3.77 -5.93
N VAL A 65 -0.06 -4.50 -6.92
CA VAL A 65 0.32 -4.21 -8.31
C VAL A 65 -0.67 -3.23 -8.91
N LEU A 66 -0.17 -2.06 -9.30
CA LEU A 66 -1.01 -0.94 -9.76
C LEU A 66 -1.31 -0.98 -11.29
N GLU A 67 -0.29 -1.27 -12.09
CA GLU A 67 -0.38 -1.17 -13.54
C GLU A 67 0.59 -2.16 -14.14
N GLY A 68 0.23 -2.71 -15.30
CA GLY A 68 1.09 -3.65 -16.01
C GLY A 68 1.14 -5.04 -15.42
N SER A 69 2.18 -5.78 -15.79
CA SER A 69 2.38 -7.14 -15.32
C SER A 69 3.86 -7.48 -15.27
N MSE A 70 4.20 -8.51 -14.52
CA MSE A 70 5.59 -8.94 -14.41
C MSE A 70 5.63 -10.34 -13.89
O MSE A 70 4.60 -10.87 -13.43
CB MSE A 70 6.37 -8.03 -13.45
CG MSE A 70 5.86 -8.06 -12.02
SE MSE A 70 6.80 -6.88 -11.02
CE MSE A 70 5.79 -7.02 -9.51
N GLY A 71 6.80 -10.96 -13.95
CA GLY A 71 7.02 -12.23 -13.29
C GLY A 71 7.54 -12.08 -11.87
N LEU A 72 6.85 -12.74 -10.94
CA LEU A 72 7.37 -12.96 -9.60
C LEU A 72 8.15 -14.28 -9.63
N VAL A 73 9.47 -14.17 -9.68
CA VAL A 73 10.39 -15.31 -9.62
C VAL A 73 10.42 -15.89 -8.19
N LEU A 74 10.16 -17.20 -8.09
CA LEU A 74 10.02 -17.91 -6.81
C LEU A 74 10.95 -19.12 -6.82
N PRO A 75 12.24 -18.88 -6.50
CA PRO A 75 13.24 -19.94 -6.53
C PRO A 75 12.86 -21.17 -5.67
N ASP A 76 12.23 -20.99 -4.51
CA ASP A 76 11.89 -22.18 -3.71
C ASP A 76 10.68 -22.95 -4.24
N GLN A 77 10.04 -22.40 -5.27
CA GLN A 77 8.95 -23.10 -5.97
C GLN A 77 9.32 -23.40 -7.39
N GLY A 78 10.61 -23.22 -7.73
CA GLY A 78 11.13 -23.56 -9.06
C GLY A 78 10.36 -22.95 -10.23
N ARG A 79 9.79 -21.77 -10.04
CA ARG A 79 8.88 -21.20 -11.03
C ARG A 79 8.83 -19.69 -10.94
N THR A 80 8.21 -19.10 -11.96
CA THR A 80 7.89 -17.68 -12.02
C THR A 80 6.37 -17.57 -12.20
N GLU A 81 5.72 -16.77 -11.35
CA GLU A 81 4.27 -16.57 -11.39
C GLU A 81 3.98 -15.20 -11.94
N GLU A 82 3.17 -15.12 -13.01
CA GLU A 82 2.81 -13.82 -13.55
C GLU A 82 1.79 -13.13 -12.63
N VAL A 83 2.05 -11.85 -12.35
CA VAL A 83 1.19 -11.03 -11.53
C VAL A 83 0.76 -9.81 -12.34
N GLY A 84 -0.39 -9.27 -11.97
CA GLY A 84 -1.05 -8.26 -12.77
C GLY A 84 -1.83 -7.27 -11.91
N PRO A 85 -2.53 -6.33 -12.56
CA PRO A 85 -3.11 -5.23 -11.78
C PRO A 85 -4.17 -5.69 -10.79
N GLY A 86 -4.20 -5.06 -9.62
CA GLY A 86 -5.19 -5.37 -8.60
C GLY A 86 -4.84 -6.52 -7.70
N GLU A 87 -3.63 -7.07 -7.85
CA GLU A 87 -3.18 -8.18 -7.01
C GLU A 87 -2.36 -7.73 -5.78
N ALA A 88 -2.74 -8.22 -4.61
CA ALA A 88 -1.96 -8.05 -3.39
C ALA A 88 -1.12 -9.30 -3.19
N ILE A 89 0.15 -9.09 -2.86
CA ILE A 89 1.09 -10.18 -2.65
C ILE A 89 1.77 -10.01 -1.30
N PHE A 90 1.61 -11.00 -0.42
CA PHE A 90 2.41 -11.14 0.79
C PHE A 90 3.59 -12.11 0.60
N ILE A 91 4.81 -11.66 0.87
CA ILE A 91 5.99 -12.53 0.85
C ILE A 91 6.60 -12.56 2.25
N PRO A 92 6.50 -13.70 2.95
CA PRO A 92 6.99 -13.72 4.32
C PRO A 92 8.49 -13.58 4.40
N ARG A 93 8.95 -13.27 5.59
CA ARG A 93 10.38 -13.27 5.91
C ARG A 93 11.03 -14.57 5.47
N GLY A 94 12.12 -14.47 4.71
CA GLY A 94 12.95 -15.63 4.36
C GLY A 94 12.65 -16.26 3.02
N GLU A 95 11.51 -15.90 2.42
CA GLU A 95 11.08 -16.54 1.18
C GLU A 95 11.78 -15.88 0.02
N PRO A 96 12.51 -16.67 -0.79
CA PRO A 96 13.21 -16.07 -1.93
C PRO A 96 12.29 -15.55 -3.03
N HIS A 97 12.70 -14.43 -3.61
CA HIS A 97 11.86 -13.76 -4.60
C HIS A 97 12.68 -12.76 -5.42
N GLY A 98 12.22 -12.56 -6.64
CA GLY A 98 12.81 -11.57 -7.53
C GLY A 98 11.79 -11.21 -8.58
N PHE A 99 12.07 -10.16 -9.34
CA PHE A 99 11.10 -9.66 -10.31
C PHE A 99 11.72 -9.69 -11.67
N VAL A 100 10.87 -9.82 -12.69
CA VAL A 100 11.34 -9.82 -14.06
C VAL A 100 10.24 -9.39 -15.04
N THR A 101 10.66 -8.76 -16.12
CA THR A 101 9.77 -8.38 -17.21
C THR A 101 10.47 -8.68 -18.53
N GLY A 102 9.68 -9.08 -19.51
CA GLY A 102 10.19 -9.37 -20.84
C GLY A 102 10.13 -8.15 -21.74
N PRO A 103 10.35 -8.36 -23.04
CA PRO A 103 10.22 -7.22 -23.95
C PRO A 103 8.76 -6.74 -23.93
N GLY A 104 8.56 -5.44 -24.06
CA GLY A 104 7.21 -4.85 -24.07
C GLY A 104 6.44 -4.85 -22.76
N GLN A 105 7.06 -5.35 -21.69
CA GLN A 105 6.32 -5.61 -20.45
C GLN A 105 6.83 -4.69 -19.37
N THR A 106 5.94 -3.84 -18.87
CA THR A 106 6.24 -2.88 -17.78
C THR A 106 5.32 -3.13 -16.60
N CYS A 107 5.78 -2.83 -15.39
CA CYS A 107 4.98 -3.04 -14.18
C CYS A 107 5.26 -1.98 -13.12
N ARG A 108 4.18 -1.39 -12.60
CA ARG A 108 4.24 -0.42 -11.51
C ARG A 108 3.52 -1.02 -10.30
N PHE A 109 4.19 -1.03 -9.14
CA PHE A 109 3.65 -1.67 -7.95
C PHE A 109 4.12 -1.04 -6.66
N LEU A 110 3.25 -1.05 -5.67
CA LEU A 110 3.58 -0.55 -4.34
C LEU A 110 4.18 -1.62 -3.46
N VAL A 111 5.18 -1.25 -2.67
CA VAL A 111 5.75 -2.16 -1.70
C VAL A 111 5.66 -1.50 -0.34
N VAL A 112 5.11 -2.23 0.62
CA VAL A 112 5.05 -1.78 2.01
C VAL A 112 6.18 -2.52 2.70
N ALA A 113 7.02 -1.77 3.41
CA ALA A 113 8.12 -2.36 4.15
C ALA A 113 8.21 -1.79 5.57
N PRO A 114 8.83 -2.53 6.49
CA PRO A 114 9.20 -1.97 7.81
C PRO A 114 10.34 -0.97 7.73
N CYS A 115 10.49 -0.15 8.76
CA CYS A 115 11.61 0.83 8.80
C CYS A 115 12.97 0.13 8.91
N GLU A 116 13.01 -0.94 9.68
CA GLU A 116 14.21 -1.73 9.92
C GLU A 116 14.26 -2.88 8.93
N ARG A 117 15.27 -2.82 8.07
CA ARG A 117 15.38 -3.70 6.92
C ARG A 117 16.82 -4.24 6.86
N PRO A 118 17.06 -5.38 7.53
CA PRO A 118 18.41 -5.95 7.47
C PRO A 118 18.82 -6.36 6.04
N PRO A 119 20.14 -6.49 5.81
CA PRO A 119 20.61 -6.72 4.44
C PRO A 119 20.08 -8.01 3.80
N VAL A 120 19.87 -7.96 2.49
CA VAL A 120 19.27 -9.07 1.78
C VAL A 120 20.36 -10.11 1.53
N ARG A 121 19.93 -11.34 1.32
CA ARG A 121 20.78 -12.43 0.88
C ARG A 121 20.40 -12.80 -0.56
N ASN A 122 21.41 -12.94 -1.41
CA ASN A 122 21.21 -13.36 -2.80
C ASN A 122 21.09 -14.87 -2.92
N VAL A 123 20.10 -15.33 -3.70
CA VAL A 123 19.94 -16.74 -4.01
C VAL A 123 21.13 -17.25 -4.83
N PHE A 124 21.54 -16.47 -5.82
CA PHE A 124 22.67 -16.83 -6.68
C PHE A 124 23.90 -15.96 -6.33
N LEU A 125 24.91 -16.60 -5.79
CA LEU A 125 26.11 -15.91 -5.31
C LEU A 125 27.13 -15.79 -6.43
N SER A 126 27.69 -14.58 -6.56
CA SER A 126 28.65 -14.24 -7.62
C SER A 126 29.28 -12.90 -7.34
N GLU A 127 30.52 -12.72 -7.78
CA GLU A 127 31.18 -11.41 -7.71
C GLU A 127 30.51 -10.38 -8.60
N ASP A 128 30.21 -10.78 -9.85
CA ASP A 128 29.46 -9.95 -10.76
C ASP A 128 27.98 -10.05 -10.34
N PRO A 129 27.39 -8.93 -9.87
CA PRO A 129 26.00 -8.98 -9.42
C PRO A 129 24.96 -9.20 -10.53
N TYR A 130 25.37 -9.10 -11.80
CA TYR A 130 24.49 -9.45 -12.94
C TYR A 130 24.53 -10.92 -13.40
N GLU A 131 25.47 -11.71 -12.89
CA GLU A 131 25.69 -13.09 -13.39
C GLU A 131 24.45 -14.01 -13.33
N TYR A 132 23.58 -13.77 -12.35
CA TYR A 132 22.33 -14.53 -12.25
C TYR A 132 21.57 -14.63 -13.58
N THR A 133 21.56 -13.56 -14.38
CA THR A 133 20.78 -13.57 -15.63
C THR A 133 21.28 -14.59 -16.67
N GLN A 134 22.55 -15.00 -16.55
CA GLN A 134 23.09 -16.03 -17.43
C GLN A 134 23.20 -17.45 -16.81
N MSE A 135 22.83 -17.61 -15.54
CA MSE A 135 22.88 -18.94 -14.90
C MSE A 135 21.67 -19.80 -15.30
O MSE A 135 20.52 -19.34 -15.19
CB MSE A 135 22.94 -18.82 -13.37
CG MSE A 135 24.23 -18.20 -12.84
SE MSE A 135 24.15 -18.03 -11.04
CE MSE A 135 25.40 -16.77 -10.70
N PRO A 136 21.91 -21.06 -15.76
CA PRO A 136 20.85 -22.01 -16.12
C PRO A 136 19.80 -22.23 -15.02
N GLU A 137 20.27 -22.28 -13.78
CA GLU A 137 19.42 -22.39 -12.59
C GLU A 137 18.38 -21.26 -12.53
N TYR A 138 18.81 -20.03 -12.85
CA TYR A 138 17.90 -18.88 -12.90
C TYR A 138 16.99 -18.92 -14.14
N THR A 139 17.59 -19.04 -15.32
CA THR A 139 16.83 -19.03 -16.57
C THR A 139 15.76 -20.13 -16.60
N SER A 140 16.00 -21.24 -15.93
CA SER A 140 15.01 -22.31 -15.85
C SER A 140 13.79 -21.96 -14.97
N LEU A 141 13.99 -21.08 -13.99
CA LEU A 141 12.87 -20.56 -13.18
C LEU A 141 11.91 -19.73 -14.05
N LEU A 142 12.45 -19.06 -15.04
CA LEU A 142 11.67 -18.24 -15.97
C LEU A 142 10.78 -19.09 -16.90
N GLU A 143 11.06 -20.40 -16.90
CA GLU A 143 10.43 -21.41 -17.76
C GLU A 143 11.13 -21.41 -19.12
N SER B 1 5.32 -20.45 7.14
CA SER B 1 4.59 -19.35 6.43
C SER B 1 4.57 -19.61 4.93
N MSE B 2 3.81 -18.82 4.18
CA MSE B 2 3.74 -19.01 2.74
C MSE B 2 3.43 -17.72 2.01
O MSE B 2 2.78 -16.82 2.55
CB MSE B 2 2.70 -20.08 2.38
CG MSE B 2 1.24 -19.62 2.41
SE MSE B 2 0.06 -20.91 1.95
CE MSE B 2 -1.24 -19.94 1.22
N MSE B 3 3.91 -17.64 0.77
CA MSE B 3 3.60 -16.55 -0.14
C MSE B 3 2.10 -16.63 -0.47
O MSE B 3 1.59 -17.70 -0.79
CB MSE B 3 4.49 -16.70 -1.40
CG MSE B 3 4.48 -15.53 -2.42
SE MSE B 3 2.98 -15.43 -3.48
CE MSE B 3 3.11 -16.93 -4.47
N LYS B 4 1.40 -15.50 -0.34
CA LYS B 4 0.00 -15.39 -0.77
C LYS B 4 -0.13 -14.37 -1.89
N ARG B 5 -0.95 -14.69 -2.90
CA ARG B 5 -1.33 -13.74 -3.92
C ARG B 5 -2.84 -13.76 -4.04
N VAL B 6 -3.49 -12.60 -4.00
CA VAL B 6 -4.94 -12.53 -4.19
C VAL B 6 -5.33 -11.30 -5.02
N HIS B 7 -6.19 -11.50 -6.01
CA HIS B 7 -6.74 -10.38 -6.74
C HIS B 7 -7.82 -9.76 -5.88
N ARG B 8 -7.92 -8.43 -5.93
CA ARG B 8 -8.88 -7.69 -5.10
C ARG B 8 -10.32 -8.24 -5.22
N THR B 9 -10.74 -8.59 -6.44
CA THR B 9 -12.10 -9.09 -6.69
C THR B 9 -12.39 -10.47 -6.11
N ASP B 10 -11.36 -11.19 -5.66
CA ASP B 10 -11.58 -12.47 -4.97
C ASP B 10 -11.70 -12.29 -3.46
N VAL B 11 -11.57 -11.06 -2.97
CA VAL B 11 -11.88 -10.77 -1.56
C VAL B 11 -13.22 -10.02 -1.44
N LYS B 12 -14.21 -10.67 -0.83
CA LYS B 12 -15.56 -10.10 -0.68
C LYS B 12 -15.55 -8.73 0.01
N ALA B 13 -16.16 -7.75 -0.66
CA ALA B 13 -16.32 -6.44 -0.06
C ALA B 13 -17.39 -6.50 1.04
N GLU B 14 -17.07 -5.97 2.22
CA GLU B 14 -17.97 -5.94 3.36
C GLU B 14 -18.13 -4.48 3.83
N ILE B 15 -19.31 -4.15 4.36
CA ILE B 15 -19.56 -2.84 4.96
C ILE B 15 -18.58 -2.66 6.13
N VAL B 16 -18.07 -1.45 6.31
CA VAL B 16 -17.16 -1.20 7.42
C VAL B 16 -17.98 -1.24 8.70
N ARG B 17 -17.34 -1.62 9.79
CA ARG B 17 -18.05 -1.80 11.05
C ARG B 17 -18.22 -0.48 11.83
N GLU B 18 -17.41 0.53 11.51
CA GLU B 18 -17.43 1.76 12.30
C GLU B 18 -18.83 2.37 12.36
N PRO B 19 -19.38 2.55 13.58
CA PRO B 19 -20.73 3.13 13.67
C PRO B 19 -20.84 4.51 13.01
N GLY B 20 -21.92 4.72 12.28
CA GLY B 20 -22.15 6.01 11.65
C GLY B 20 -21.42 6.22 10.33
N ALA B 21 -20.67 5.22 9.85
CA ALA B 21 -20.13 5.27 8.49
C ALA B 21 -21.24 5.01 7.47
N LYS B 22 -21.16 5.65 6.30
CA LYS B 22 -22.16 5.53 5.24
C LYS B 22 -21.47 5.21 3.92
N GLU B 23 -22.02 4.27 3.17
CA GLU B 23 -21.57 3.97 1.81
C GLU B 23 -20.08 3.61 1.71
N THR B 24 -19.56 2.96 2.75
CA THR B 24 -18.14 2.65 2.84
C THR B 24 -17.95 1.16 3.08
N THR B 25 -17.23 0.52 2.16
CA THR B 25 -16.92 -0.90 2.20
C THR B 25 -15.42 -1.12 2.29
N HIS B 26 -15.00 -2.32 2.66
CA HIS B 26 -13.59 -2.65 2.67
C HIS B 26 -13.34 -4.11 2.28
N ARG B 27 -12.14 -4.36 1.75
CA ARG B 27 -11.67 -5.72 1.48
C ARG B 27 -10.32 -5.87 2.16
N LYS B 28 -10.25 -6.77 3.13
CA LYS B 28 -8.97 -7.05 3.78
C LYS B 28 -8.13 -7.95 2.83
N LEU B 29 -7.10 -7.37 2.21
CA LEU B 29 -6.30 -8.10 1.21
C LEU B 29 -5.17 -8.91 1.84
N ILE B 30 -4.46 -8.32 2.77
CA ILE B 30 -3.42 -9.02 3.52
C ILE B 30 -3.63 -8.70 4.98
N ASP B 31 -3.84 -9.73 5.79
CA ASP B 31 -4.19 -9.57 7.21
C ASP B 31 -3.41 -10.58 8.07
N THR B 32 -3.57 -10.52 9.40
CA THR B 32 -2.80 -11.41 10.30
C THR B 32 -2.93 -12.94 10.01
N PRO B 33 -4.11 -13.42 9.56
CA PRO B 33 -4.19 -14.84 9.22
C PRO B 33 -3.25 -15.27 8.09
N ASP B 34 -2.81 -14.33 7.25
CA ASP B 34 -1.89 -14.63 6.17
C ASP B 34 -0.45 -14.67 6.66
N GLY B 35 -0.21 -14.45 7.96
CA GLY B 35 1.16 -14.42 8.48
C GLY B 35 1.76 -13.02 8.57
N ALA B 36 1.01 -12.00 8.12
CA ALA B 36 1.37 -10.61 8.39
C ALA B 36 1.34 -10.39 9.90
N ASP B 37 2.44 -9.96 10.50
CA ASP B 37 2.49 -9.81 11.96
C ASP B 37 2.94 -8.42 12.45
N ARG B 38 3.11 -7.47 11.53
CA ARG B 38 3.42 -6.08 11.91
C ARG B 38 2.53 -5.04 11.24
N PHE B 39 2.20 -5.25 9.96
CA PHE B 39 1.32 -4.34 9.25
C PHE B 39 0.49 -5.11 8.26
N VAL B 40 -0.64 -4.51 7.91
CA VAL B 40 -1.66 -5.13 7.10
C VAL B 40 -2.11 -4.17 6.00
N LEU B 41 -2.77 -4.71 4.97
CA LEU B 41 -3.16 -3.96 3.79
C LEU B 41 -4.65 -4.16 3.52
N THR B 42 -5.41 -3.06 3.56
CA THR B 42 -6.85 -3.06 3.35
C THR B 42 -7.24 -2.06 2.27
N GLU B 43 -8.12 -2.49 1.38
CA GLU B 43 -8.67 -1.60 0.38
C GLU B 43 -10.04 -1.14 0.85
N PHE B 44 -10.27 0.17 0.76
CA PHE B 44 -11.56 0.74 1.07
C PHE B 44 -12.18 1.38 -0.17
N GLU B 45 -13.51 1.38 -0.21
CA GLU B 45 -14.22 2.17 -1.20
C GLU B 45 -15.33 2.99 -0.53
N VAL B 46 -15.32 4.31 -0.74
CA VAL B 46 -16.39 5.19 -0.32
C VAL B 46 -17.21 5.54 -1.57
N SER B 47 -18.46 5.07 -1.58
CA SER B 47 -19.39 5.27 -2.70
C SER B 47 -20.06 6.65 -2.58
N PRO B 48 -20.83 7.06 -3.58
CA PRO B 48 -21.33 8.43 -3.53
C PRO B 48 -22.15 8.75 -2.25
N ASN B 49 -22.13 10.01 -1.85
CA ASN B 49 -22.85 10.42 -0.65
C ASN B 49 -22.39 9.68 0.61
N GLY B 50 -21.08 9.44 0.70
CA GLY B 50 -20.53 8.67 1.78
C GLY B 50 -19.78 9.50 2.80
N SER B 51 -19.52 8.90 3.95
CA SER B 51 -18.77 9.58 5.00
C SER B 51 -18.40 8.65 6.13
N THR B 52 -17.34 8.98 6.84
CA THR B 52 -16.95 8.26 8.04
C THR B 52 -16.83 9.28 9.16
N PRO B 53 -17.14 8.88 10.41
CA PRO B 53 -17.10 9.85 11.48
C PRO B 53 -15.65 10.30 11.74
N PRO B 54 -15.35 11.61 11.63
CA PRO B 54 -13.97 11.97 11.93
C PRO B 54 -13.51 11.42 13.27
N HIS B 55 -12.31 10.86 13.29
CA HIS B 55 -11.80 10.23 14.49
C HIS B 55 -10.29 10.40 14.63
N PHE B 56 -9.80 10.01 15.79
CA PHE B 56 -8.35 9.96 16.01
C PHE B 56 -7.96 8.74 16.82
N HIS B 57 -6.76 8.24 16.56
CA HIS B 57 -6.33 6.98 17.16
C HIS B 57 -4.80 6.91 17.27
N GLU B 58 -4.32 6.01 18.13
CA GLU B 58 -2.90 5.82 18.38
C GLU B 58 -2.29 4.80 17.41
N TRP B 59 -2.58 5.03 16.14
CA TRP B 59 -2.03 4.27 15.04
C TRP B 59 -2.09 5.11 13.76
N GLU B 60 -0.92 5.23 13.12
CA GLU B 60 -0.77 6.02 11.90
C GLU B 60 -1.46 5.34 10.72
N HIS B 61 -1.89 6.15 9.74
CA HIS B 61 -2.34 5.66 8.44
C HIS B 61 -1.31 5.98 7.38
N GLU B 62 -1.02 5.02 6.51
CA GLU B 62 -0.46 5.29 5.19
C GLU B 62 -1.49 4.85 4.15
N ILE B 63 -1.83 5.78 3.27
CA ILE B 63 -2.96 5.66 2.37
C ILE B 63 -2.47 5.93 0.96
N TYR B 64 -2.96 5.16 0.01
CA TYR B 64 -2.68 5.42 -1.40
C TYR B 64 -3.99 5.40 -2.18
N VAL B 65 -4.29 6.48 -2.87
CA VAL B 65 -5.60 6.60 -3.56
C VAL B 65 -5.47 5.99 -4.95
N LEU B 66 -6.25 4.94 -5.22
CA LEU B 66 -6.18 4.17 -6.47
C LEU B 66 -7.09 4.70 -7.61
N GLU B 67 -8.31 5.10 -7.27
CA GLU B 67 -9.31 5.45 -8.28
C GLU B 67 -10.29 6.41 -7.67
N GLY B 68 -10.76 7.38 -8.45
CA GLY B 68 -11.69 8.38 -7.97
C GLY B 68 -11.12 9.43 -7.01
N SER B 69 -12.03 10.03 -6.23
CA SER B 69 -11.68 11.15 -5.40
C SER B 69 -12.61 11.28 -4.21
N MSE B 70 -12.17 12.01 -3.21
CA MSE B 70 -12.95 12.18 -1.98
C MSE B 70 -12.37 13.33 -1.17
O MSE B 70 -11.29 13.82 -1.47
CB MSE B 70 -12.91 10.89 -1.14
CG MSE B 70 -11.55 10.55 -0.56
SE MSE B 70 -11.60 8.98 0.29
CE MSE B 70 -9.83 8.80 0.60
N GLY B 71 -13.09 13.75 -0.15
CA GLY B 71 -12.55 14.67 0.84
C GLY B 71 -11.93 13.96 2.05
N LEU B 72 -10.68 14.32 2.35
CA LEU B 72 -10.07 14.01 3.63
C LEU B 72 -10.47 15.16 4.58
N VAL B 73 -11.39 14.89 5.51
CA VAL B 73 -11.84 15.87 6.50
C VAL B 73 -10.78 16.01 7.60
N LEU B 74 -10.34 17.24 7.87
CA LEU B 74 -9.21 17.51 8.80
C LEU B 74 -9.64 18.48 9.91
N PRO B 75 -10.31 17.93 10.94
CA PRO B 75 -10.88 18.75 12.01
C PRO B 75 -9.92 19.71 12.70
N ASP B 76 -8.68 19.29 12.98
CA ASP B 76 -7.72 20.19 13.59
C ASP B 76 -7.20 21.28 12.63
N GLN B 77 -7.51 21.18 11.33
CA GLN B 77 -7.16 22.25 10.37
C GLN B 77 -8.37 23.00 9.86
N GLY B 78 -9.53 22.73 10.44
CA GLY B 78 -10.78 23.41 10.05
C GLY B 78 -11.16 23.30 8.58
N ARG B 79 -10.73 22.23 7.91
CA ARG B 79 -10.94 22.12 6.47
C ARG B 79 -11.07 20.67 5.99
N THR B 80 -11.46 20.54 4.73
CA THR B 80 -11.52 19.27 4.04
C THR B 80 -10.64 19.41 2.79
N GLU B 81 -9.75 18.46 2.56
CA GLU B 81 -8.85 18.48 1.43
C GLU B 81 -9.25 17.41 0.43
N GLU B 82 -9.49 17.80 -0.82
CA GLU B 82 -9.80 16.83 -1.86
C GLU B 82 -8.52 16.02 -2.25
N VAL B 83 -8.66 14.70 -2.29
CA VAL B 83 -7.60 13.81 -2.73
C VAL B 83 -8.04 13.02 -3.97
N GLY B 84 -7.05 12.58 -4.74
CA GLY B 84 -7.30 11.91 -6.03
C GLY B 84 -6.26 10.84 -6.33
N PRO B 85 -6.35 10.22 -7.52
CA PRO B 85 -5.51 9.06 -7.81
C PRO B 85 -4.00 9.37 -7.84
N GLY B 86 -3.19 8.38 -7.43
CA GLY B 86 -1.73 8.54 -7.37
C GLY B 86 -1.20 9.30 -6.15
N GLU B 87 -2.07 9.62 -5.20
CA GLU B 87 -1.65 10.36 -4.02
C GLU B 87 -1.41 9.44 -2.80
N ALA B 88 -0.22 9.56 -2.22
CA ALA B 88 0.09 8.94 -0.93
C ALA B 88 -0.20 9.95 0.17
N ILE B 89 -0.86 9.50 1.24
CA ILE B 89 -1.17 10.35 2.39
C ILE B 89 -0.63 9.67 3.63
N PHE B 90 0.06 10.44 4.48
CA PHE B 90 0.48 9.97 5.80
C PHE B 90 -0.27 10.75 6.87
N ILE B 91 -0.92 10.04 7.79
CA ILE B 91 -1.67 10.67 8.87
C ILE B 91 -1.11 10.17 10.20
N PRO B 92 -0.36 11.01 10.91
CA PRO B 92 0.27 10.55 12.14
C PRO B 92 -0.70 10.11 13.22
N ARG B 93 -0.18 9.34 14.17
CA ARG B 93 -0.90 9.03 15.41
C ARG B 93 -1.49 10.29 16.05
N GLY B 94 -2.81 10.26 16.32
CA GLY B 94 -3.46 11.35 17.05
C GLY B 94 -4.12 12.43 16.21
N GLU B 95 -3.77 12.51 14.93
CA GLU B 95 -4.31 13.56 14.08
C GLU B 95 -5.74 13.19 13.66
N PRO B 96 -6.73 14.05 13.95
CA PRO B 96 -8.11 13.76 13.51
C PRO B 96 -8.30 13.75 11.97
N HIS B 97 -9.23 12.90 11.52
CA HIS B 97 -9.44 12.71 10.09
C HIS B 97 -10.69 11.89 9.83
N GLY B 98 -11.31 12.15 8.69
CA GLY B 98 -12.47 11.42 8.24
C GLY B 98 -12.54 11.53 6.75
N PHE B 99 -13.44 10.77 6.15
CA PHE B 99 -13.58 10.73 4.69
C PHE B 99 -14.99 11.15 4.32
N VAL B 100 -15.14 11.73 3.13
CA VAL B 100 -16.44 12.14 2.65
C VAL B 100 -16.46 12.19 1.12
N THR B 101 -17.61 11.87 0.55
CA THR B 101 -17.81 12.00 -0.89
C THR B 101 -19.20 12.60 -1.14
N GLY B 102 -19.29 13.41 -2.19
CA GLY B 102 -20.55 14.05 -2.59
C GLY B 102 -21.30 13.14 -3.53
N PRO B 103 -22.36 13.67 -4.18
CA PRO B 103 -23.23 12.86 -5.07
C PRO B 103 -22.63 12.15 -6.29
N GLY B 104 -21.60 12.67 -6.91
CA GLY B 104 -21.10 11.99 -8.14
C GLY B 104 -19.75 11.35 -7.92
N GLN B 105 -19.43 11.11 -6.65
CA GLN B 105 -18.05 10.94 -6.25
C GLN B 105 -17.85 9.60 -5.55
N THR B 106 -16.98 8.75 -6.12
CA THR B 106 -16.59 7.47 -5.53
C THR B 106 -15.07 7.41 -5.43
N CYS B 107 -14.54 6.75 -4.40
CA CYS B 107 -13.09 6.66 -4.19
C CYS B 107 -12.70 5.27 -3.67
N ARG B 108 -11.69 4.67 -4.31
CA ARG B 108 -11.12 3.39 -3.90
C ARG B 108 -9.67 3.69 -3.51
N PHE B 109 -9.28 3.29 -2.29
CA PHE B 109 -7.95 3.60 -1.75
C PHE B 109 -7.44 2.54 -0.80
N LEU B 110 -6.13 2.38 -0.78
CA LEU B 110 -5.46 1.43 0.08
C LEU B 110 -5.09 2.07 1.40
N VAL B 111 -5.26 1.33 2.49
CA VAL B 111 -4.81 1.75 3.80
C VAL B 111 -3.85 0.72 4.32
N VAL B 112 -2.69 1.16 4.76
CA VAL B 112 -1.71 0.31 5.43
C VAL B 112 -1.85 0.66 6.91
N ALA B 113 -1.96 -0.33 7.75
CA ALA B 113 -2.08 -0.09 9.18
C ALA B 113 -1.26 -1.11 9.97
N PRO B 114 -0.92 -0.80 11.22
CA PRO B 114 -0.32 -1.83 12.08
C PRO B 114 -1.29 -2.95 12.45
N CYS B 115 -0.74 -4.05 12.94
CA CYS B 115 -1.57 -5.12 13.46
C CYS B 115 -2.27 -4.72 14.75
N GLU B 116 -1.56 -3.93 15.55
CA GLU B 116 -2.09 -3.45 16.83
C GLU B 116 -2.78 -2.09 16.65
N ARG B 117 -4.09 -2.08 16.80
CA ARG B 117 -4.91 -0.92 16.49
C ARG B 117 -5.84 -0.63 17.70
N PRO B 118 -5.37 0.15 18.68
CA PRO B 118 -6.27 0.46 19.80
C PRO B 118 -7.51 1.25 19.33
N PRO B 119 -8.54 1.35 20.19
CA PRO B 119 -9.83 1.96 19.83
C PRO B 119 -9.70 3.41 19.35
N VAL B 120 -10.48 3.78 18.35
CA VAL B 120 -10.43 5.16 17.83
C VAL B 120 -11.24 6.03 18.77
N ARG B 121 -11.00 7.33 18.69
CA ARG B 121 -11.77 8.31 19.42
C ARG B 121 -12.48 9.21 18.41
N ASN B 122 -13.80 9.39 18.60
CA ASN B 122 -14.57 10.28 17.77
C ASN B 122 -14.32 11.75 18.10
N VAL B 123 -14.20 12.57 17.06
CA VAL B 123 -14.06 14.01 17.24
C VAL B 123 -15.35 14.58 17.80
N PHE B 124 -16.46 14.12 17.25
CA PHE B 124 -17.79 14.56 17.66
C PHE B 124 -18.49 13.46 18.47
N LEU B 125 -18.68 13.71 19.75
CA LEU B 125 -19.25 12.73 20.64
C LEU B 125 -20.77 12.81 20.65
N SER B 126 -21.41 11.65 20.55
CA SER B 126 -22.87 11.58 20.52
C SER B 126 -23.30 10.13 20.72
N GLU B 127 -24.54 9.95 21.16
CA GLU B 127 -25.10 8.61 21.32
C GLU B 127 -25.48 8.03 19.96
N ASP B 128 -26.13 8.84 19.11
CA ASP B 128 -26.40 8.50 17.73
C ASP B 128 -25.09 8.68 16.96
N PRO B 129 -24.50 7.57 16.48
CA PRO B 129 -23.20 7.67 15.80
C PRO B 129 -23.25 8.38 14.45
N TYR B 130 -24.45 8.62 13.90
CA TYR B 130 -24.60 9.44 12.70
C TYR B 130 -24.78 10.95 12.99
N GLU B 131 -24.87 11.35 14.26
CA GLU B 131 -25.19 12.74 14.59
C GLU B 131 -24.20 13.78 14.03
N TYR B 132 -22.94 13.38 13.83
CA TYR B 132 -21.93 14.28 13.25
C TYR B 132 -22.39 14.91 11.92
N THR B 133 -23.06 14.13 11.08
CA THR B 133 -23.47 14.57 9.75
C THR B 133 -24.39 15.80 9.78
N GLN B 134 -25.13 15.99 10.88
CA GLN B 134 -25.97 17.19 11.04
C GLN B 134 -25.43 18.26 12.01
N MSE B 135 -24.20 18.11 12.51
CA MSE B 135 -23.61 19.12 13.40
C MSE B 135 -22.93 20.27 12.60
O MSE B 135 -22.10 20.01 11.72
CB MSE B 135 -22.58 18.47 14.31
CG MSE B 135 -23.16 17.51 15.32
SE MSE B 135 -21.84 16.84 16.35
CE MSE B 135 -22.67 15.52 17.25
N PRO B 136 -23.26 21.54 12.93
CA PRO B 136 -22.65 22.72 12.29
C PRO B 136 -21.11 22.71 12.26
N GLU B 137 -20.52 22.25 13.36
CA GLU B 137 -19.08 22.12 13.51
C GLU B 137 -18.49 21.19 12.42
N TYR B 138 -19.21 20.11 12.12
CA TYR B 138 -18.81 19.18 11.06
C TYR B 138 -19.08 19.72 9.64
N THR B 139 -20.30 20.15 9.37
CA THR B 139 -20.69 20.60 8.03
C THR B 139 -19.87 21.83 7.58
N SER B 140 -19.38 22.63 8.52
CA SER B 140 -18.54 23.77 8.18
C SER B 140 -17.10 23.36 7.77
N LEU B 141 -16.57 22.25 8.31
CA LEU B 141 -15.40 21.58 7.74
C LEU B 141 -15.51 21.23 6.25
N LEU B 142 -16.66 20.75 5.84
CA LEU B 142 -16.93 20.33 4.47
C LEU B 142 -16.88 21.55 3.64
N GLU B 143 -16.84 22.67 4.35
CA GLU B 143 -16.97 23.99 3.83
C GLU B 143 -18.19 24.21 2.98
ZN ZN C . 12.76 -8.35 -1.42
ZN ZN D . -8.51 6.46 10.92
#